data_8GBB
#
_entry.id   8GBB
#
_cell.length_a   67.431
_cell.length_b   109.460
_cell.length_c   136.920
_cell.angle_alpha   90.000
_cell.angle_beta   90.000
_cell.angle_gamma   90.000
#
_symmetry.space_group_name_H-M   'C 2 2 21'
#
loop_
_entity.id
_entity.type
_entity.pdbx_description
1 polymer 'SDR family oxidoreductase'
2 water water
#
_entity_poly.entity_id   1
_entity_poly.type   'polypeptide(L)'
_entity_poly.pdbx_seq_one_letter_code
;MNIDLKGKVAVVSGGATLIGKAVVQALVSAGAHVAILDIDAKGKAIAESFNHDVMFIQTDLTSDAAIQQAVADIHQHLGE
VSYLVNLACTYLDDGFKSSRQDWLQALDINLVSTVELSRALYNDLKKQQGSIVNFTSISAKVAQTGRWLYPVSKAAIRQL
TQSMAMDFAADGIRVNSVSPGWTWSRVIAEVSGNNREKADSVAADYHLLGRLGHPEEVANVVLFLLSSAASFVTGADYAV
DGGYSVMGPEGLQPAIPRLAE
;
_entity_poly.pdbx_strand_id   A,B
#
# COMPACT_ATOMS: atom_id res chain seq x y z
N MET A 1 -11.97 7.60 4.70
CA MET A 1 -10.90 8.40 4.02
C MET A 1 -11.19 9.89 4.25
N ASN A 2 -11.15 10.29 5.50
CA ASN A 2 -11.45 11.66 5.90
C ASN A 2 -10.19 12.28 6.51
N ILE A 3 -9.18 12.46 5.67
CA ILE A 3 -7.91 13.05 6.08
C ILE A 3 -8.03 14.56 6.06
N ASP A 4 -7.27 15.23 6.92
CA ASP A 4 -7.27 16.69 7.00
C ASP A 4 -5.91 17.21 6.51
N LEU A 5 -5.92 17.88 5.36
CA LEU A 5 -4.74 18.53 4.79
C LEU A 5 -4.99 20.03 4.63
N LYS A 6 -5.74 20.62 5.56
CA LYS A 6 -6.16 22.01 5.43
C LYS A 6 -4.96 22.94 5.32
N GLY A 7 -4.95 23.78 4.27
CA GLY A 7 -3.90 24.72 4.03
C GLY A 7 -2.75 24.19 3.22
N LYS A 8 -2.58 22.88 3.14
CA LYS A 8 -1.46 22.31 2.39
C LYS A 8 -1.70 22.48 0.90
N VAL A 9 -0.60 22.63 0.16
CA VAL A 9 -0.63 22.84 -1.28
C VAL A 9 -0.08 21.62 -1.98
N ALA A 10 -0.82 21.14 -2.99
CA ALA A 10 -0.45 19.97 -3.76
C ALA A 10 -0.35 20.34 -5.22
N VAL A 11 0.54 19.67 -5.92
CA VAL A 11 0.72 19.80 -7.36
C VAL A 11 0.46 18.43 -7.98
N VAL A 12 -0.34 18.40 -9.05
CA VAL A 12 -0.69 17.15 -9.70
C VAL A 12 -0.39 17.33 -11.18
N SER A 13 0.71 16.75 -11.64
CA SER A 13 0.98 16.72 -13.07
C SER A 13 0.03 15.74 -13.75
N GLY A 14 -0.24 15.98 -15.03
CA GLY A 14 -1.20 15.15 -15.75
C GLY A 14 -2.57 15.13 -15.11
N GLY A 15 -3.03 16.26 -14.61
CA GLY A 15 -4.28 16.32 -13.88
C GLY A 15 -5.54 16.31 -14.72
N ALA A 16 -5.42 16.33 -16.04
CA ALA A 16 -6.59 16.34 -16.90
C ALA A 16 -7.19 14.96 -17.11
N THR A 17 -6.49 13.90 -16.72
CA THR A 17 -7.01 12.55 -16.86
C THR A 17 -8.04 12.24 -15.77
N LEU A 18 -8.78 11.16 -15.97
CA LEU A 18 -9.76 10.75 -14.97
C LEU A 18 -9.08 10.51 -13.62
N ILE A 19 -7.94 9.79 -13.63
CA ILE A 19 -7.18 9.60 -12.39
C ILE A 19 -6.83 10.94 -11.78
N GLY A 20 -6.31 11.86 -12.58
CA GLY A 20 -5.92 13.16 -12.07
C GLY A 20 -7.09 13.90 -11.47
N LYS A 21 -8.25 13.86 -12.15
CA LYS A 21 -9.44 14.52 -11.62
C LYS A 21 -9.83 13.93 -10.28
N ALA A 22 -9.81 12.60 -10.16
CA ALA A 22 -10.16 11.96 -8.89
C ALA A 22 -9.17 12.35 -7.79
N VAL A 23 -7.89 12.43 -8.13
CA VAL A 23 -6.89 12.82 -7.14
C VAL A 23 -7.10 14.27 -6.72
N VAL A 24 -7.44 15.13 -7.67
CA VAL A 24 -7.68 16.53 -7.35
C VAL A 24 -8.86 16.65 -6.40
N GLN A 25 -9.95 15.95 -6.72
CA GLN A 25 -11.13 15.99 -5.85
C GLN A 25 -10.81 15.44 -4.48
N ALA A 26 -10.05 14.34 -4.41
CA ALA A 26 -9.69 13.78 -3.12
C ALA A 26 -8.89 14.78 -2.29
N LEU A 27 -7.96 15.51 -2.93
CA LEU A 27 -7.16 16.48 -2.19
C LEU A 27 -8.00 17.66 -1.73
N VAL A 28 -8.83 18.21 -2.61
CA VAL A 28 -9.67 19.34 -2.23
C VAL A 28 -10.59 18.94 -1.09
N SER A 29 -11.27 17.81 -1.21
CA SER A 29 -12.12 17.32 -0.14
C SER A 29 -11.37 17.23 1.18
N ALA A 30 -10.08 16.92 1.13
CA ALA A 30 -9.26 16.87 2.33
C ALA A 30 -8.79 18.25 2.78
N GLY A 31 -9.20 19.31 2.11
CA GLY A 31 -8.87 20.67 2.53
C GLY A 31 -7.64 21.27 1.90
N ALA A 32 -7.06 20.61 0.90
CA ALA A 32 -5.82 21.10 0.29
C ALA A 32 -6.11 22.01 -0.89
N HIS A 33 -5.15 22.88 -1.17
CA HIS A 33 -5.15 23.68 -2.39
C HIS A 33 -4.32 22.95 -3.44
N VAL A 34 -4.82 22.91 -4.67
CA VAL A 34 -4.26 22.06 -5.71
C VAL A 34 -3.89 22.88 -6.92
N ALA A 35 -2.71 22.59 -7.47
CA ALA A 35 -2.26 23.15 -8.74
C ALA A 35 -2.23 22.01 -9.75
N ILE A 36 -2.99 22.15 -10.83
CA ILE A 36 -3.07 21.17 -11.90
C ILE A 36 -2.12 21.60 -13.01
N LEU A 37 -1.10 20.77 -13.26
CA LEU A 37 -0.18 20.96 -14.37
C LEU A 37 -0.51 19.92 -15.44
N ASP A 38 -0.69 20.38 -16.67
CA ASP A 38 -0.99 19.45 -17.76
C ASP A 38 -0.83 20.18 -19.09
N ILE A 39 -0.53 19.39 -20.13
CA ILE A 39 -0.51 19.91 -21.49
C ILE A 39 -1.91 19.91 -22.10
N ASP A 40 -2.85 19.18 -21.50
CA ASP A 40 -4.22 19.10 -21.99
C ASP A 40 -5.04 20.27 -21.46
N ALA A 41 -5.79 20.92 -22.35
CA ALA A 41 -6.59 22.09 -21.96
C ALA A 41 -7.79 21.71 -21.10
N LYS A 42 -8.22 20.45 -21.13
CA LYS A 42 -9.35 20.04 -20.31
C LYS A 42 -9.13 20.38 -18.84
N GLY A 43 -7.88 20.36 -18.40
CA GLY A 43 -7.58 20.70 -17.02
C GLY A 43 -8.19 22.01 -16.59
N LYS A 44 -8.20 23.01 -17.49
CA LYS A 44 -8.77 24.30 -17.16
C LYS A 44 -10.18 24.13 -16.57
N ALA A 45 -11.06 23.43 -17.30
CA ALA A 45 -12.42 23.24 -16.82
C ALA A 45 -12.41 22.63 -15.42
N ILE A 46 -11.58 21.60 -15.22
CA ILE A 46 -11.54 20.93 -13.92
C ILE A 46 -11.28 21.94 -12.83
N ALA A 47 -10.25 22.77 -13.00
CA ALA A 47 -9.89 23.70 -11.93
C ALA A 47 -11.06 24.64 -11.64
N GLU A 48 -11.75 25.09 -12.69
CA GLU A 48 -12.79 26.09 -12.47
C GLU A 48 -13.89 25.54 -11.58
N SER A 49 -14.11 24.22 -11.60
CA SER A 49 -15.19 23.68 -10.78
C SER A 49 -14.93 23.86 -9.29
N PHE A 50 -13.66 24.01 -8.89
CA PHE A 50 -13.31 24.23 -7.49
C PHE A 50 -12.99 25.68 -7.18
N ASN A 51 -13.38 26.60 -8.06
CA ASN A 51 -13.23 28.04 -7.81
C ASN A 51 -11.80 28.31 -7.38
N HIS A 52 -11.57 29.07 -6.30
CA HIS A 52 -10.23 29.55 -5.97
C HIS A 52 -9.36 28.50 -5.29
N ASP A 53 -9.88 27.30 -4.99
CA ASP A 53 -9.03 26.33 -4.31
C ASP A 53 -8.13 25.56 -5.27
N VAL A 54 -8.49 25.46 -6.54
CA VAL A 54 -7.72 24.73 -7.52
C VAL A 54 -7.35 25.66 -8.66
N MET A 55 -6.10 25.57 -9.10
CA MET A 55 -5.55 26.37 -10.19
C MET A 55 -5.16 25.44 -11.32
N PHE A 56 -5.18 25.96 -12.55
CA PHE A 56 -4.72 25.23 -13.72
C PHE A 56 -3.60 26.01 -14.39
N ILE A 57 -2.52 25.33 -14.72
CA ILE A 57 -1.37 25.95 -15.39
C ILE A 57 -0.97 25.01 -16.52
N GLN A 58 -1.30 25.40 -17.75
CA GLN A 58 -0.90 24.62 -18.92
C GLN A 58 0.62 24.60 -19.02
N THR A 59 1.20 23.40 -18.94
CA THR A 59 2.63 23.27 -18.82
C THR A 59 3.13 22.14 -19.71
N ASP A 60 4.16 22.43 -20.50
CA ASP A 60 4.94 21.41 -21.20
C ASP A 60 6.13 21.10 -20.30
N LEU A 61 6.04 20.00 -19.56
CA LEU A 61 7.07 19.70 -18.56
C LEU A 61 8.41 19.34 -19.16
N THR A 62 8.50 19.14 -20.48
CA THR A 62 9.80 18.97 -21.12
C THR A 62 10.54 20.29 -21.27
N SER A 63 9.89 21.42 -21.00
CA SER A 63 10.52 22.74 -21.09
C SER A 63 10.89 23.20 -19.68
N ASP A 64 12.19 23.32 -19.43
CA ASP A 64 12.64 23.81 -18.13
C ASP A 64 12.03 25.17 -17.81
N ALA A 65 11.95 26.05 -18.80
CA ALA A 65 11.38 27.38 -18.58
C ALA A 65 9.92 27.29 -18.17
N ALA A 66 9.18 26.35 -18.77
CA ALA A 66 7.79 26.16 -18.39
C ALA A 66 7.66 25.71 -16.95
N ILE A 67 8.59 24.86 -16.48
CA ILE A 67 8.51 24.38 -15.10
C ILE A 67 8.79 25.53 -14.13
N GLN A 68 9.84 26.31 -14.42
CA GLN A 68 10.14 27.45 -13.57
C GLN A 68 8.96 28.41 -13.51
N GLN A 69 8.31 28.65 -14.66
CA GLN A 69 7.15 29.55 -14.66
C GLN A 69 5.97 28.95 -13.91
N ALA A 70 5.77 27.63 -14.02
CA ALA A 70 4.68 26.99 -13.29
C ALA A 70 4.88 27.09 -11.79
N VAL A 71 6.12 26.92 -11.33
CA VAL A 71 6.40 27.06 -9.91
C VAL A 71 6.21 28.50 -9.46
N ALA A 72 6.60 29.46 -10.30
CA ALA A 72 6.38 30.86 -9.96
C ALA A 72 4.88 31.16 -9.80
N ASP A 73 4.05 30.65 -10.71
CA ASP A 73 2.62 30.88 -10.62
C ASP A 73 2.03 30.21 -9.38
N ILE A 74 2.48 28.99 -9.07
CA ILE A 74 2.02 28.33 -7.84
C ILE A 74 2.36 29.20 -6.64
N HIS A 75 3.59 29.73 -6.60
CA HIS A 75 3.99 30.59 -5.49
C HIS A 75 3.09 31.82 -5.39
N GLN A 76 2.72 32.40 -6.52
CA GLN A 76 1.93 33.63 -6.49
C GLN A 76 0.51 33.36 -6.01
N HIS A 77 -0.14 32.34 -6.55
CA HIS A 77 -1.55 32.13 -6.25
C HIS A 77 -1.82 31.29 -5.01
N LEU A 78 -0.95 30.31 -4.69
CA LEU A 78 -1.25 29.34 -3.64
C LEU A 78 -0.20 29.28 -2.55
N GLY A 79 1.08 29.25 -2.91
CA GLY A 79 2.14 29.24 -1.92
C GLY A 79 3.05 28.02 -1.97
N GLU A 80 3.73 27.74 -0.86
CA GLU A 80 4.73 26.68 -0.83
C GLU A 80 4.09 25.30 -0.95
N VAL A 81 4.69 24.46 -1.77
CA VAL A 81 4.10 23.17 -2.11
C VAL A 81 4.50 22.13 -1.07
N SER A 82 3.52 21.33 -0.64
CA SER A 82 3.73 20.22 0.27
C SER A 82 3.67 18.87 -0.42
N TYR A 83 2.81 18.70 -1.42
CA TYR A 83 2.63 17.39 -2.03
C TYR A 83 2.86 17.45 -3.53
N LEU A 84 3.53 16.44 -4.06
CA LEU A 84 3.70 16.34 -5.51
C LEU A 84 3.23 14.97 -5.97
N VAL A 85 2.33 14.96 -6.95
CA VAL A 85 1.82 13.74 -7.55
C VAL A 85 2.19 13.76 -9.02
N ASN A 86 3.17 12.93 -9.38
CA ASN A 86 3.70 12.84 -10.73
C ASN A 86 2.85 11.81 -11.49
N LEU A 87 1.87 12.30 -12.22
CA LEU A 87 0.96 11.47 -12.99
C LEU A 87 1.05 11.73 -14.48
N ALA A 88 1.85 12.72 -14.90
CA ALA A 88 1.97 13.03 -16.32
C ALA A 88 2.63 11.88 -17.06
N CYS A 89 2.08 11.55 -18.22
CA CYS A 89 2.64 10.47 -19.03
C CYS A 89 2.16 10.64 -20.46
N THR A 90 2.87 9.96 -21.37
CA THR A 90 2.48 9.87 -22.76
C THR A 90 2.27 8.40 -23.09
N TYR A 91 1.36 8.13 -24.03
CA TYR A 91 1.13 6.79 -24.51
C TYR A 91 1.71 6.57 -25.91
N LEU A 92 2.55 7.49 -26.37
CA LEU A 92 3.40 7.26 -27.53
C LEU A 92 4.13 5.94 -27.36
N ASP A 93 3.72 4.90 -28.10
CA ASP A 93 4.24 3.55 -27.90
C ASP A 93 3.86 2.66 -29.06
N ASP A 94 4.84 2.26 -29.88
CA ASP A 94 4.63 1.35 -31.00
C ASP A 94 5.48 0.09 -30.86
N GLY A 95 5.81 -0.27 -29.63
CA GLY A 95 6.65 -1.43 -29.42
C GLY A 95 7.95 -1.30 -30.19
N PHE A 96 8.34 -2.39 -30.86
CA PHE A 96 9.59 -2.43 -31.61
C PHE A 96 9.59 -1.39 -32.73
N LYS A 97 8.40 -1.03 -33.24
CA LYS A 97 8.33 -0.07 -34.34
C LYS A 97 8.69 1.34 -33.90
N SER A 98 8.60 1.64 -32.61
CA SER A 98 8.93 2.98 -32.14
C SER A 98 10.39 3.29 -32.44
N SER A 99 10.64 4.51 -32.91
CA SER A 99 11.97 4.94 -33.33
C SER A 99 12.77 5.47 -32.15
N ARG A 100 14.07 5.69 -32.40
CA ARG A 100 14.93 6.29 -31.38
C ARG A 100 14.36 7.62 -30.89
N GLN A 101 13.88 8.45 -31.83
CA GLN A 101 13.29 9.73 -31.45
C GLN A 101 12.07 9.52 -30.57
N ASP A 102 11.21 8.57 -30.94
CA ASP A 102 10.04 8.27 -30.12
C ASP A 102 10.44 7.80 -28.73
N TRP A 103 11.48 6.96 -28.64
CA TRP A 103 11.95 6.51 -27.35
C TRP A 103 12.35 7.68 -26.47
N LEU A 104 13.20 8.57 -26.98
CA LEU A 104 13.68 9.67 -26.15
C LEU A 104 12.56 10.63 -25.80
N GLN A 105 11.60 10.85 -26.71
CA GLN A 105 10.46 11.70 -26.38
C GLN A 105 9.64 11.10 -25.24
N ALA A 106 9.31 9.81 -25.36
CA ALA A 106 8.50 9.17 -24.32
C ALA A 106 9.24 9.13 -22.98
N LEU A 107 10.55 8.91 -23.01
CA LEU A 107 11.31 8.92 -21.76
C LEU A 107 11.39 10.31 -21.15
N ASP A 108 11.55 11.34 -22.00
CA ASP A 108 11.57 12.71 -21.50
C ASP A 108 10.27 13.06 -20.79
N ILE A 109 9.13 12.68 -21.37
CA ILE A 109 7.85 13.04 -20.77
C ILE A 109 7.58 12.18 -19.54
N ASN A 110 7.74 10.86 -19.66
CA ASN A 110 7.30 9.95 -18.61
C ASN A 110 8.25 9.97 -17.41
N LEU A 111 9.55 10.10 -17.65
CA LEU A 111 10.55 9.84 -16.62
C LEU A 111 11.39 11.07 -16.27
N VAL A 112 12.13 11.64 -17.23
CA VAL A 112 13.07 12.70 -16.91
C VAL A 112 12.35 13.95 -16.39
N SER A 113 11.17 14.23 -16.96
CA SER A 113 10.42 15.41 -16.54
C SER A 113 9.96 15.28 -15.10
N THR A 114 9.73 14.04 -14.62
CA THR A 114 9.44 13.84 -13.21
C THR A 114 10.59 14.36 -12.35
N VAL A 115 11.82 14.11 -12.79
CA VAL A 115 12.99 14.59 -12.06
C VAL A 115 13.04 16.11 -12.09
N GLU A 116 12.80 16.72 -13.26
CA GLU A 116 12.92 18.18 -13.32
C GLU A 116 11.83 18.85 -12.49
N LEU A 117 10.60 18.33 -12.54
CA LEU A 117 9.54 18.90 -11.73
C LEU A 117 9.83 18.72 -10.24
N SER A 118 10.38 17.55 -9.85
CA SER A 118 10.74 17.35 -8.45
C SER A 118 11.85 18.31 -8.03
N ARG A 119 12.79 18.57 -8.94
CA ARG A 119 13.92 19.44 -8.62
C ARG A 119 13.46 20.88 -8.44
N ALA A 120 12.55 21.33 -9.29
CA ALA A 120 12.06 22.71 -9.17
C ALA A 120 11.29 22.90 -7.87
N LEU A 121 10.62 21.87 -7.38
CA LEU A 121 9.82 21.94 -6.17
C LEU A 121 10.55 21.46 -4.93
N TYR A 122 11.83 21.09 -5.05
CA TYR A 122 12.49 20.40 -3.95
C TYR A 122 12.60 21.26 -2.71
N ASN A 123 12.95 22.54 -2.86
CA ASN A 123 13.11 23.38 -1.68
C ASN A 123 11.79 23.51 -0.93
N ASP A 124 10.67 23.55 -1.66
CA ASP A 124 9.36 23.56 -1.02
C ASP A 124 9.15 22.29 -0.20
N LEU A 125 9.31 21.13 -0.84
CA LEU A 125 9.07 19.86 -0.16
C LEU A 125 10.00 19.68 1.03
N LYS A 126 11.22 20.20 0.92
CA LYS A 126 12.18 20.12 2.02
C LYS A 126 11.72 20.97 3.19
N LYS A 127 11.34 22.24 2.93
CA LYS A 127 10.88 23.11 4.00
C LYS A 127 9.60 22.57 4.63
N GLN A 128 8.65 22.09 3.81
CA GLN A 128 7.40 21.55 4.30
C GLN A 128 7.52 20.10 4.74
N GLN A 129 8.63 19.43 4.43
CA GLN A 129 8.79 18.00 4.68
C GLN A 129 7.56 17.25 4.17
N GLY A 130 7.36 17.33 2.85
CA GLY A 130 6.18 16.79 2.20
C GLY A 130 6.41 15.39 1.66
N SER A 131 5.51 14.98 0.76
CA SER A 131 5.63 13.66 0.16
C SER A 131 5.35 13.70 -1.34
N ILE A 132 5.95 12.73 -2.04
CA ILE A 132 5.86 12.57 -3.46
C ILE A 132 5.27 11.21 -3.78
N VAL A 133 4.35 11.18 -4.74
CA VAL A 133 3.77 9.94 -5.25
C VAL A 133 3.99 9.90 -6.75
N ASN A 134 4.75 8.92 -7.21
CA ASN A 134 4.91 8.63 -8.62
C ASN A 134 3.94 7.54 -9.03
N PHE A 135 3.82 7.35 -10.35
CA PHE A 135 2.88 6.37 -10.90
C PHE A 135 3.66 5.33 -11.68
N THR A 136 3.64 4.09 -11.19
CA THR A 136 4.06 2.95 -11.97
C THR A 136 2.80 2.38 -12.64
N SER A 137 2.80 1.10 -12.99
CA SER A 137 1.64 0.46 -13.57
C SER A 137 1.82 -1.05 -13.42
N ILE A 138 0.73 -1.79 -13.70
CA ILE A 138 0.88 -3.23 -13.90
C ILE A 138 1.79 -3.51 -15.08
N SER A 139 2.03 -2.52 -15.94
CA SER A 139 2.91 -2.68 -17.10
C SER A 139 4.39 -2.61 -16.73
N ALA A 140 4.72 -2.19 -15.52
CA ALA A 140 6.10 -2.16 -15.08
C ALA A 140 6.54 -3.50 -14.50
N LYS A 141 5.62 -4.43 -14.29
CA LYS A 141 5.90 -5.72 -13.68
C LYS A 141 5.72 -6.88 -14.64
N VAL A 142 5.31 -6.61 -15.89
CA VAL A 142 4.95 -7.66 -16.83
C VAL A 142 5.14 -7.14 -18.23
N ALA A 143 5.19 -8.05 -19.20
CA ALA A 143 5.36 -7.70 -20.61
C ALA A 143 4.01 -7.78 -21.31
N GLN A 144 3.78 -6.86 -22.24
CA GLN A 144 2.53 -6.77 -22.98
C GLN A 144 2.85 -6.61 -24.46
N THR A 145 2.29 -7.50 -25.27
CA THR A 145 2.64 -7.55 -26.69
C THR A 145 2.43 -6.18 -27.34
N GLY A 146 3.45 -5.71 -28.06
CA GLY A 146 3.36 -4.49 -28.83
C GLY A 146 3.55 -3.21 -28.05
N ARG A 147 3.84 -3.29 -26.76
CA ARG A 147 4.00 -2.11 -25.90
C ARG A 147 5.36 -2.17 -25.23
N TRP A 148 6.23 -1.22 -25.59
CA TRP A 148 7.57 -1.14 -25.04
C TRP A 148 7.79 0.16 -24.26
N LEU A 149 7.52 1.30 -24.88
CA LEU A 149 7.94 2.58 -24.32
C LEU A 149 7.28 2.85 -22.98
N TYR A 150 5.97 2.63 -22.87
CA TYR A 150 5.29 2.92 -21.61
C TYR A 150 5.63 1.89 -20.54
N PRO A 151 5.58 0.59 -20.80
CA PRO A 151 6.05 -0.37 -19.79
C PRO A 151 7.46 -0.11 -19.31
N VAL A 152 8.40 0.18 -20.22
CA VAL A 152 9.77 0.42 -19.80
C VAL A 152 9.86 1.72 -19.00
N SER A 153 9.19 2.77 -19.45
CA SER A 153 9.17 4.02 -18.70
C SER A 153 8.68 3.81 -17.27
N LYS A 154 7.63 3.01 -17.11
CA LYS A 154 7.07 2.79 -15.77
C LYS A 154 7.99 1.91 -14.93
N ALA A 155 8.62 0.91 -15.54
CA ALA A 155 9.62 0.14 -14.82
C ALA A 155 10.73 1.05 -14.33
N ALA A 156 11.09 2.06 -15.12
CA ALA A 156 12.12 3.01 -14.71
C ALA A 156 11.63 3.92 -13.58
N ILE A 157 10.35 4.30 -13.63
CA ILE A 157 9.78 5.12 -12.58
C ILE A 157 9.85 4.38 -11.25
N ARG A 158 9.68 3.06 -11.27
CA ARG A 158 9.73 2.28 -10.03
C ARG A 158 11.09 2.42 -9.34
N GLN A 159 12.17 2.25 -10.11
CA GLN A 159 13.51 2.41 -9.54
C GLN A 159 13.77 3.86 -9.15
N LEU A 160 13.30 4.80 -9.96
CA LEU A 160 13.48 6.21 -9.60
C LEU A 160 12.80 6.50 -8.28
N THR A 161 11.62 5.92 -8.07
CA THR A 161 10.92 6.09 -6.79
C THR A 161 11.79 5.60 -5.64
N GLN A 162 12.46 4.46 -5.84
CA GLN A 162 13.32 3.95 -4.76
C GLN A 162 14.53 4.86 -4.51
N SER A 163 15.19 5.31 -5.57
CA SER A 163 16.38 6.13 -5.39
C SER A 163 16.04 7.52 -4.87
N MET A 164 14.89 8.06 -5.30
CA MET A 164 14.39 9.30 -4.72
C MET A 164 14.12 9.12 -3.23
N ALA A 165 13.45 8.04 -2.85
CA ALA A 165 13.18 7.82 -1.43
C ALA A 165 14.49 7.85 -0.65
N MET A 166 15.50 7.12 -1.13
CA MET A 166 16.74 7.03 -0.38
C MET A 166 17.39 8.40 -0.24
N ASP A 167 17.56 9.13 -1.35
CA ASP A 167 18.31 10.37 -1.29
C ASP A 167 17.50 11.55 -0.77
N PHE A 168 16.18 11.39 -0.61
CA PHE A 168 15.33 12.42 -0.04
C PHE A 168 15.02 12.17 1.44
N ALA A 169 15.25 10.96 1.95
CA ALA A 169 14.88 10.67 3.32
C ALA A 169 15.57 11.61 4.30
N ALA A 170 16.84 11.95 4.04
CA ALA A 170 17.57 12.81 4.97
C ALA A 170 16.85 14.14 5.17
N ASP A 171 16.11 14.60 4.17
CA ASP A 171 15.38 15.86 4.25
C ASP A 171 13.95 15.68 4.70
N GLY A 172 13.57 14.47 5.13
CA GLY A 172 12.23 14.24 5.64
C GLY A 172 11.16 14.12 4.59
N ILE A 173 11.53 13.88 3.33
CA ILE A 173 10.57 13.74 2.25
C ILE A 173 10.36 12.26 1.96
N ARG A 174 9.11 11.83 1.99
CA ARG A 174 8.75 10.46 1.63
C ARG A 174 8.43 10.41 0.14
N VAL A 175 8.79 9.30 -0.51
CA VAL A 175 8.53 9.11 -1.93
C VAL A 175 8.02 7.68 -2.13
N ASN A 176 6.85 7.53 -2.73
CA ASN A 176 6.28 6.22 -2.99
C ASN A 176 5.70 6.20 -4.40
N SER A 177 5.26 5.02 -4.84
CA SER A 177 4.64 4.87 -6.14
C SER A 177 3.32 4.10 -6.01
N VAL A 178 2.43 4.37 -6.95
CA VAL A 178 1.13 3.71 -7.03
C VAL A 178 1.06 2.96 -8.34
N SER A 179 0.64 1.71 -8.29
CA SER A 179 0.57 0.83 -9.46
C SER A 179 -0.86 0.41 -9.71
N PRO A 180 -1.59 1.11 -10.59
CA PRO A 180 -2.96 0.71 -10.91
C PRO A 180 -3.02 -0.26 -12.08
N GLY A 181 -4.15 -0.95 -12.16
CA GLY A 181 -4.41 -1.84 -13.28
C GLY A 181 -5.19 -1.14 -14.37
N TRP A 182 -6.14 -1.84 -14.99
CA TRP A 182 -7.05 -1.20 -15.92
C TRP A 182 -8.04 -0.34 -15.14
N THR A 183 -7.93 0.98 -15.29
CA THR A 183 -8.84 1.90 -14.64
C THR A 183 -9.69 2.59 -15.70
N TRP A 184 -10.95 2.84 -15.38
CA TRP A 184 -11.82 3.59 -16.27
C TRP A 184 -11.11 4.86 -16.71
N SER A 185 -11.10 5.09 -18.02
CA SER A 185 -10.35 6.19 -18.61
C SER A 185 -11.14 6.78 -19.77
N ARG A 186 -10.68 7.94 -20.25
CA ARG A 186 -11.33 8.57 -21.39
C ARG A 186 -11.22 7.69 -22.64
N VAL A 187 -10.05 7.10 -22.85
CA VAL A 187 -9.84 6.27 -24.04
C VAL A 187 -10.73 5.03 -23.99
N ILE A 188 -10.83 4.39 -22.82
CA ILE A 188 -11.70 3.22 -22.71
C ILE A 188 -13.15 3.63 -22.92
N ALA A 189 -13.53 4.80 -22.40
CA ALA A 189 -14.91 5.27 -22.61
C ALA A 189 -15.19 5.50 -24.08
N GLU A 190 -14.19 5.93 -24.85
CA GLU A 190 -14.41 6.16 -26.27
C GLU A 190 -14.49 4.85 -27.06
N VAL A 191 -13.61 3.88 -26.77
CA VAL A 191 -13.68 2.62 -27.50
C VAL A 191 -14.87 1.79 -27.01
N SER A 192 -15.30 1.99 -25.76
CA SER A 192 -16.39 1.23 -25.19
C SER A 192 -17.76 1.70 -25.67
N GLY A 193 -17.85 2.88 -26.26
CA GLY A 193 -19.13 3.51 -26.49
C GLY A 193 -19.75 4.02 -25.21
N ASN A 194 -18.93 4.49 -24.27
CA ASN A 194 -19.40 4.91 -22.96
C ASN A 194 -20.27 3.84 -22.31
N ASN A 195 -19.88 2.58 -22.51
CA ASN A 195 -20.56 1.42 -21.92
C ASN A 195 -19.64 0.84 -20.84
N ARG A 196 -20.00 1.07 -19.57
CA ARG A 196 -19.12 0.66 -18.48
C ARG A 196 -19.27 -0.82 -18.15
N GLU A 197 -20.50 -1.36 -18.18
CA GLU A 197 -20.67 -2.77 -17.86
C GLU A 197 -20.00 -3.67 -18.90
N LYS A 198 -20.00 -3.26 -20.17
CA LYS A 198 -19.32 -4.01 -21.22
C LYS A 198 -17.81 -4.02 -21.01
N ALA A 199 -17.24 -2.84 -20.75
CA ALA A 199 -15.80 -2.76 -20.48
C ALA A 199 -15.44 -3.55 -19.22
N ASP A 200 -16.30 -3.51 -18.20
CA ASP A 200 -16.10 -4.34 -17.02
C ASP A 200 -16.09 -5.81 -17.40
N SER A 201 -17.00 -6.22 -18.30
CA SER A 201 -17.05 -7.61 -18.73
C SER A 201 -15.73 -8.04 -19.36
N VAL A 202 -15.13 -7.15 -20.16
CA VAL A 202 -13.83 -7.49 -20.75
C VAL A 202 -12.76 -7.58 -19.66
N ALA A 203 -12.73 -6.59 -18.76
CA ALA A 203 -11.65 -6.53 -17.78
C ALA A 203 -11.74 -7.62 -16.72
N ALA A 204 -12.90 -8.25 -16.54
CA ALA A 204 -13.03 -9.29 -15.53
C ALA A 204 -11.99 -10.39 -15.72
N ASP A 205 -11.57 -10.65 -16.96
CA ASP A 205 -10.61 -11.70 -17.22
C ASP A 205 -9.22 -11.38 -16.66
N TYR A 206 -8.96 -10.12 -16.31
CA TYR A 206 -7.63 -9.70 -15.89
C TYR A 206 -7.62 -9.05 -14.51
N HIS A 207 -8.74 -9.08 -13.78
CA HIS A 207 -8.82 -8.52 -12.45
C HIS A 207 -9.67 -9.42 -11.58
N LEU A 208 -9.13 -9.84 -10.44
CA LEU A 208 -9.86 -10.74 -9.56
C LEU A 208 -11.22 -10.16 -9.16
N LEU A 209 -11.32 -8.84 -9.04
CA LEU A 209 -12.55 -8.21 -8.60
C LEU A 209 -13.54 -7.98 -9.73
N GLY A 210 -13.22 -8.41 -10.95
CA GLY A 210 -14.22 -8.55 -11.99
C GLY A 210 -14.67 -7.29 -12.68
N ARG A 211 -13.82 -6.27 -12.74
CA ARG A 211 -14.20 -5.02 -13.37
C ARG A 211 -12.97 -4.15 -13.53
N LEU A 212 -13.15 -3.00 -14.18
CA LEU A 212 -12.14 -1.96 -14.16
C LEU A 212 -12.14 -1.26 -12.81
N GLY A 213 -11.01 -0.66 -12.47
CA GLY A 213 -10.94 0.15 -11.28
C GLY A 213 -11.59 1.51 -11.49
N HIS A 214 -12.08 2.08 -10.40
CA HIS A 214 -12.57 3.45 -10.51
C HIS A 214 -11.42 4.43 -10.30
N PRO A 215 -11.41 5.56 -11.00
CA PRO A 215 -10.39 6.57 -10.70
C PRO A 215 -10.33 6.92 -9.22
N GLU A 216 -11.48 6.96 -8.54
CA GLU A 216 -11.49 7.28 -7.13
C GLU A 216 -10.75 6.23 -6.31
N GLU A 217 -10.85 4.96 -6.70
CA GLU A 217 -10.18 3.90 -5.96
C GLU A 217 -8.66 4.07 -6.03
N VAL A 218 -8.14 4.55 -7.16
CA VAL A 218 -6.72 4.89 -7.25
C VAL A 218 -6.41 6.13 -6.41
N ALA A 219 -7.28 7.14 -6.49
CA ALA A 219 -7.05 8.38 -5.75
C ALA A 219 -6.98 8.12 -4.24
N ASN A 220 -7.76 7.16 -3.76
CA ASN A 220 -7.71 6.83 -2.32
C ASN A 220 -6.30 6.42 -1.90
N VAL A 221 -5.64 5.59 -2.71
CA VAL A 221 -4.29 5.14 -2.37
C VAL A 221 -3.31 6.30 -2.48
N VAL A 222 -3.46 7.13 -3.51
CA VAL A 222 -2.61 8.32 -3.62
C VAL A 222 -2.74 9.18 -2.36
N LEU A 223 -3.97 9.45 -1.93
CA LEU A 223 -4.18 10.30 -0.78
C LEU A 223 -3.60 9.69 0.47
N PHE A 224 -3.80 8.39 0.68
CA PHE A 224 -3.20 7.73 1.84
C PHE A 224 -1.69 7.94 1.86
N LEU A 225 -1.03 7.75 0.71
CA LEU A 225 0.43 7.89 0.70
C LEU A 225 0.86 9.33 0.95
N LEU A 226 0.09 10.31 0.48
CA LEU A 226 0.45 11.70 0.73
C LEU A 226 0.29 12.06 2.21
N SER A 227 -0.70 11.47 2.88
CA SER A 227 -1.05 11.85 4.23
C SER A 227 -0.01 11.37 5.23
N SER A 228 -0.11 11.91 6.45
CA SER A 228 0.78 11.54 7.54
C SER A 228 0.46 10.17 8.13
N ALA A 229 -0.66 9.55 7.72
CA ALA A 229 -0.91 8.17 8.13
C ALA A 229 0.12 7.23 7.54
N ALA A 230 0.68 7.58 6.38
CA ALA A 230 1.74 6.80 5.75
C ALA A 230 3.13 7.25 6.19
N SER A 231 3.27 7.66 7.46
CA SER A 231 4.49 8.32 7.91
C SER A 231 5.68 7.38 8.02
N PHE A 232 5.48 6.07 7.97
CA PHE A 232 6.60 5.13 7.90
C PHE A 232 6.66 4.42 6.56
N VAL A 233 6.02 4.98 5.52
CA VAL A 233 5.99 4.39 4.19
C VAL A 233 6.81 5.27 3.25
N THR A 234 7.96 4.76 2.83
CA THR A 234 8.76 5.45 1.82
C THR A 234 9.45 4.43 0.92
N GLY A 235 9.51 4.75 -0.37
CA GLY A 235 10.14 3.88 -1.33
C GLY A 235 9.32 2.67 -1.70
N ALA A 236 8.05 2.63 -1.33
CA ALA A 236 7.21 1.48 -1.58
C ALA A 236 6.38 1.67 -2.84
N ASP A 237 5.93 0.55 -3.38
CA ASP A 237 4.99 0.53 -4.50
C ASP A 237 3.68 -0.08 -4.00
N TYR A 238 2.62 0.72 -4.01
CA TYR A 238 1.32 0.31 -3.51
C TYR A 238 0.42 -0.03 -4.69
N ALA A 239 0.09 -1.30 -4.84
CA ALA A 239 -0.73 -1.75 -5.96
C ALA A 239 -2.21 -1.50 -5.68
N VAL A 240 -2.91 -0.96 -6.68
CA VAL A 240 -4.35 -0.79 -6.63
C VAL A 240 -4.89 -1.29 -7.96
N ASP A 241 -4.73 -2.59 -8.22
CA ASP A 241 -4.97 -3.19 -9.52
C ASP A 241 -6.03 -4.28 -9.49
N GLY A 242 -6.81 -4.37 -8.42
CA GLY A 242 -7.87 -5.35 -8.34
C GLY A 242 -7.41 -6.78 -8.51
N GLY A 243 -6.18 -7.08 -8.16
CA GLY A 243 -5.66 -8.44 -8.24
C GLY A 243 -4.98 -8.79 -9.54
N TYR A 244 -4.79 -7.82 -10.44
CA TYR A 244 -4.16 -8.08 -11.72
C TYR A 244 -2.79 -8.74 -11.54
N SER A 245 -1.95 -8.16 -10.67
CA SER A 245 -0.55 -8.52 -10.60
C SER A 245 -0.29 -9.84 -9.88
N VAL A 246 -1.30 -10.49 -9.30
CA VAL A 246 -1.07 -11.82 -8.72
C VAL A 246 -1.24 -12.93 -9.76
N MET A 247 -1.69 -12.60 -10.96
CA MET A 247 -2.01 -13.60 -11.97
C MET A 247 -0.94 -13.67 -13.04
N GLY A 248 -0.88 -14.83 -13.70
CA GLY A 248 0.00 -15.04 -14.82
C GLY A 248 -0.82 -15.33 -16.06
N PRO A 249 -0.19 -15.95 -17.07
CA PRO A 249 -0.89 -16.15 -18.35
C PRO A 249 -2.11 -17.04 -18.23
N GLU A 250 -2.25 -17.80 -17.15
CA GLU A 250 -3.42 -18.64 -16.94
C GLU A 250 -4.64 -17.85 -16.48
N GLY A 251 -4.46 -16.59 -16.09
CA GLY A 251 -5.60 -15.83 -15.59
C GLY A 251 -6.15 -16.43 -14.31
N LEU A 252 -7.46 -16.28 -14.13
CA LEU A 252 -8.15 -16.80 -12.95
C LEU A 252 -8.98 -18.03 -13.27
N GLN A 253 -8.83 -18.61 -14.48
CA GLN A 253 -9.53 -19.82 -14.88
C GLN A 253 -8.59 -21.02 -14.83
N PRO A 254 -9.08 -22.20 -14.46
CA PRO A 254 -8.22 -23.38 -14.47
C PRO A 254 -7.69 -23.66 -15.86
N ALA A 255 -6.45 -24.16 -15.92
CA ALA A 255 -5.78 -24.44 -17.18
C ALA A 255 -5.40 -25.89 -17.36
N ILE A 256 -5.10 -26.61 -16.27
CA ILE A 256 -4.74 -28.03 -16.39
C ILE A 256 -5.84 -28.80 -17.11
N PRO A 257 -7.13 -28.64 -16.79
CA PRO A 257 -8.16 -29.43 -17.49
C PRO A 257 -8.08 -29.33 -19.01
N ARG A 258 -7.59 -28.21 -19.54
CA ARG A 258 -7.49 -28.05 -20.98
C ARG A 258 -6.60 -29.11 -21.62
N LEU A 259 -5.67 -29.70 -20.87
CA LEU A 259 -4.76 -30.69 -21.43
C LEU A 259 -5.46 -32.01 -21.74
N ALA A 260 -6.64 -32.24 -21.16
CA ALA A 260 -7.37 -33.48 -21.39
C ALA A 260 -8.35 -33.33 -22.56
N MET B 1 -6.82 10.08 9.41
CA MET B 1 -7.27 8.67 9.26
C MET B 1 -8.54 8.43 10.07
N ASN B 2 -9.64 9.00 9.60
CA ASN B 2 -10.92 8.94 10.31
C ASN B 2 -11.88 8.07 9.49
N ILE B 3 -11.65 6.75 9.55
CA ILE B 3 -12.48 5.78 8.85
C ILE B 3 -13.69 5.46 9.73
N ASP B 4 -14.80 5.08 9.09
CA ASP B 4 -16.03 4.75 9.80
C ASP B 4 -16.38 3.28 9.58
N LEU B 5 -16.27 2.48 10.65
CA LEU B 5 -16.62 1.07 10.64
C LEU B 5 -17.62 0.77 11.75
N LYS B 6 -18.59 1.66 11.94
CA LYS B 6 -19.58 1.50 13.00
C LYS B 6 -20.33 0.18 12.82
N GLY B 7 -20.52 -0.53 13.92
CA GLY B 7 -21.27 -1.76 13.92
C GLY B 7 -20.57 -2.97 13.36
N LYS B 8 -19.43 -2.80 12.70
CA LYS B 8 -18.71 -3.93 12.16
C LYS B 8 -18.01 -4.70 13.28
N VAL B 9 -17.67 -5.96 13.00
CA VAL B 9 -16.96 -6.82 13.93
C VAL B 9 -15.65 -7.27 13.27
N ALA B 10 -14.58 -7.18 14.03
CA ALA B 10 -13.23 -7.52 13.59
C ALA B 10 -12.64 -8.56 14.52
N VAL B 11 -11.82 -9.44 13.93
CA VAL B 11 -11.08 -10.47 14.66
C VAL B 11 -9.60 -10.19 14.43
N VAL B 12 -8.83 -10.17 15.51
CA VAL B 12 -7.39 -9.89 15.45
C VAL B 12 -6.67 -11.03 16.15
N SER B 13 -6.05 -11.91 15.37
CA SER B 13 -5.18 -12.93 15.95
C SER B 13 -3.90 -12.26 16.46
N GLY B 14 -3.32 -12.85 17.49
CA GLY B 14 -2.09 -12.30 18.05
C GLY B 14 -2.19 -10.86 18.47
N GLY B 15 -3.33 -10.47 19.04
CA GLY B 15 -3.56 -9.09 19.41
C GLY B 15 -2.86 -8.59 20.65
N ALA B 16 -2.03 -9.42 21.28
CA ALA B 16 -1.34 -9.04 22.50
C ALA B 16 -0.05 -8.27 22.24
N THR B 17 0.44 -8.26 21.01
CA THR B 17 1.67 -7.53 20.69
C THR B 17 1.35 -6.05 20.52
N LEU B 18 2.40 -5.23 20.61
CA LEU B 18 2.22 -3.78 20.47
C LEU B 18 1.54 -3.43 19.16
N ILE B 19 1.97 -4.06 18.06
CA ILE B 19 1.26 -3.91 16.79
C ILE B 19 -0.19 -4.35 16.95
N GLY B 20 -0.41 -5.50 17.61
CA GLY B 20 -1.76 -5.98 17.81
C GLY B 20 -2.64 -4.97 18.53
N LYS B 21 -2.11 -4.40 19.62
CA LYS B 21 -2.89 -3.42 20.37
C LYS B 21 -3.15 -2.17 19.56
N ALA B 22 -2.17 -1.75 18.75
CA ALA B 22 -2.40 -0.58 17.89
C ALA B 22 -3.48 -0.88 16.86
N VAL B 23 -3.50 -2.08 16.30
CA VAL B 23 -4.53 -2.46 15.34
C VAL B 23 -5.89 -2.47 16.03
N VAL B 24 -5.95 -2.98 17.26
CA VAL B 24 -7.21 -3.04 17.99
C VAL B 24 -7.71 -1.63 18.27
N GLN B 25 -6.81 -0.74 18.72
CA GLN B 25 -7.20 0.64 19.01
C GLN B 25 -7.67 1.34 17.75
N ALA B 26 -6.97 1.12 16.63
CA ALA B 26 -7.38 1.71 15.36
C ALA B 26 -8.78 1.26 14.99
N LEU B 27 -9.08 -0.04 15.16
CA LEU B 27 -10.42 -0.52 14.82
C LEU B 27 -11.48 0.07 15.77
N VAL B 28 -11.19 0.12 17.06
CA VAL B 28 -12.17 0.66 18.01
C VAL B 28 -12.46 2.13 17.70
N SER B 29 -11.41 2.92 17.45
CA SER B 29 -11.60 4.33 17.10
C SER B 29 -12.52 4.48 15.89
N ALA B 30 -12.47 3.53 14.96
CA ALA B 30 -13.34 3.58 13.79
C ALA B 30 -14.76 3.08 14.09
N GLY B 31 -15.04 2.67 15.32
CA GLY B 31 -16.37 2.26 15.70
C GLY B 31 -16.62 0.76 15.68
N ALA B 32 -15.62 -0.05 15.39
CA ALA B 32 -15.80 -1.48 15.28
C ALA B 32 -15.59 -2.16 16.63
N HIS B 33 -16.26 -3.29 16.82
CA HIS B 33 -16.00 -4.18 17.94
C HIS B 33 -14.95 -5.19 17.51
N VAL B 34 -14.08 -5.59 18.46
CA VAL B 34 -12.92 -6.42 18.14
C VAL B 34 -12.85 -7.59 19.11
N ALA B 35 -12.59 -8.77 18.57
CA ALA B 35 -12.30 -9.97 19.33
C ALA B 35 -10.82 -10.29 19.17
N ILE B 36 -10.10 -10.31 20.29
CA ILE B 36 -8.68 -10.64 20.29
C ILE B 36 -8.52 -12.12 20.59
N LEU B 37 -7.97 -12.86 19.62
CA LEU B 37 -7.64 -14.26 19.78
C LEU B 37 -6.13 -14.38 19.97
N ASP B 38 -5.70 -14.92 21.09
CA ASP B 38 -4.27 -15.04 21.37
C ASP B 38 -4.06 -16.06 22.47
N ILE B 39 -2.84 -16.63 22.47
CA ILE B 39 -2.44 -17.52 23.55
C ILE B 39 -1.90 -16.75 24.74
N ASP B 40 -1.45 -15.51 24.54
CA ASP B 40 -0.86 -14.73 25.61
C ASP B 40 -1.94 -14.18 26.53
N ALA B 41 -1.68 -14.25 27.83
CA ALA B 41 -2.69 -13.82 28.81
C ALA B 41 -2.81 -12.30 28.86
N LYS B 42 -1.73 -11.58 28.53
CA LYS B 42 -1.76 -10.12 28.59
C LYS B 42 -2.91 -9.56 27.76
N GLY B 43 -3.33 -10.29 26.72
CA GLY B 43 -4.46 -9.84 25.91
C GLY B 43 -5.65 -9.42 26.75
N LYS B 44 -5.94 -10.17 27.81
CA LYS B 44 -7.12 -9.85 28.62
C LYS B 44 -7.08 -8.39 29.06
N ALA B 45 -5.94 -7.96 29.61
CA ALA B 45 -5.82 -6.57 30.02
C ALA B 45 -6.14 -5.63 28.86
N ILE B 46 -5.55 -5.88 27.69
CA ILE B 46 -5.81 -5.03 26.53
C ILE B 46 -7.31 -4.93 26.29
N ALA B 47 -8.00 -6.07 26.31
CA ALA B 47 -9.44 -6.05 26.04
C ALA B 47 -10.16 -5.20 27.08
N GLU B 48 -9.79 -5.36 28.36
CA GLU B 48 -10.46 -4.59 29.40
C GLU B 48 -10.23 -3.10 29.20
N SER B 49 -9.11 -2.75 28.55
CA SER B 49 -8.82 -1.34 28.32
C SER B 49 -9.90 -0.67 27.49
N PHE B 50 -10.61 -1.43 26.66
CA PHE B 50 -11.69 -0.87 25.85
C PHE B 50 -13.07 -1.28 26.35
N ASN B 51 -13.17 -1.82 27.57
CA ASN B 51 -14.45 -2.20 28.17
C ASN B 51 -15.23 -3.05 27.17
N HIS B 52 -16.51 -2.76 26.92
CA HIS B 52 -17.35 -3.65 26.12
C HIS B 52 -17.11 -3.50 24.62
N ASP B 53 -16.10 -2.74 24.20
CA ASP B 53 -15.80 -2.61 22.79
C ASP B 53 -14.91 -3.74 22.30
N VAL B 54 -14.10 -4.31 23.18
CA VAL B 54 -13.16 -5.36 22.84
C VAL B 54 -13.37 -6.53 23.79
N MET B 55 -13.30 -7.74 23.24
CA MET B 55 -13.43 -8.98 23.99
C MET B 55 -12.18 -9.82 23.76
N PHE B 56 -11.72 -10.49 24.81
CA PHE B 56 -10.55 -11.36 24.74
C PHE B 56 -10.99 -12.81 24.84
N ILE B 57 -10.46 -13.66 23.96
CA ILE B 57 -10.75 -15.09 23.98
C ILE B 57 -9.41 -15.81 23.86
N GLN B 58 -8.89 -16.31 24.98
CA GLN B 58 -7.65 -17.08 24.92
C GLN B 58 -7.87 -18.29 24.01
N THR B 59 -7.05 -18.39 22.97
CA THR B 59 -7.25 -19.40 21.94
C THR B 59 -5.91 -19.94 21.47
N ASP B 60 -5.78 -21.27 21.48
CA ASP B 60 -4.65 -21.95 20.84
C ASP B 60 -5.09 -22.21 19.40
N LEU B 61 -4.61 -21.38 18.48
CA LEU B 61 -5.06 -21.49 17.10
C LEU B 61 -4.60 -22.78 16.41
N THR B 62 -3.68 -23.53 17.00
CA THR B 62 -3.35 -24.83 16.43
C THR B 62 -4.40 -25.89 16.77
N SER B 63 -5.35 -25.57 17.64
CA SER B 63 -6.43 -26.47 18.02
C SER B 63 -7.69 -26.07 17.28
N ASP B 64 -8.17 -26.97 16.41
CA ASP B 64 -9.40 -26.70 15.66
C ASP B 64 -10.57 -26.46 16.61
N ALA B 65 -10.66 -27.24 17.68
CA ALA B 65 -11.73 -27.08 18.65
C ALA B 65 -11.69 -25.69 19.29
N ALA B 66 -10.50 -25.21 19.63
CA ALA B 66 -10.39 -23.87 20.20
C ALA B 66 -10.90 -22.81 19.23
N ILE B 67 -10.63 -22.99 17.94
CA ILE B 67 -11.09 -22.02 16.94
C ILE B 67 -12.61 -22.04 16.84
N GLN B 68 -13.20 -23.23 16.81
CA GLN B 68 -14.66 -23.32 16.75
C GLN B 68 -15.30 -22.67 17.98
N GLN B 69 -14.72 -22.92 19.17
CA GLN B 69 -15.26 -22.32 20.39
C GLN B 69 -15.11 -20.80 20.36
N ALA B 70 -14.00 -20.30 19.82
CA ALA B 70 -13.80 -18.87 19.74
C ALA B 70 -14.81 -18.23 18.81
N VAL B 71 -15.08 -18.86 17.66
CA VAL B 71 -16.06 -18.28 16.75
C VAL B 71 -17.45 -18.33 17.35
N ALA B 72 -17.77 -19.41 18.07
CA ALA B 72 -19.04 -19.49 18.79
C ALA B 72 -19.17 -18.35 19.79
N ASP B 73 -18.10 -18.08 20.55
CA ASP B 73 -18.14 -16.99 21.51
C ASP B 73 -18.29 -15.64 20.83
N ILE B 74 -17.58 -15.43 19.71
CA ILE B 74 -17.71 -14.18 18.97
C ILE B 74 -19.15 -13.99 18.53
N HIS B 75 -19.78 -15.06 18.02
CA HIS B 75 -21.16 -14.97 17.59
C HIS B 75 -22.09 -14.66 18.77
N GLN B 76 -21.80 -15.24 19.94
CA GLN B 76 -22.67 -15.05 21.09
C GLN B 76 -22.61 -13.62 21.61
N HIS B 77 -21.41 -13.04 21.68
CA HIS B 77 -21.24 -11.74 22.31
C HIS B 77 -21.18 -10.57 21.34
N LEU B 78 -20.69 -10.78 20.12
CA LEU B 78 -20.43 -9.66 19.20
C LEU B 78 -21.23 -9.74 17.92
N GLY B 79 -21.22 -10.88 17.22
CA GLY B 79 -22.03 -11.03 16.03
C GLY B 79 -21.19 -11.49 14.84
N GLU B 80 -21.69 -11.21 13.64
CA GLU B 80 -21.05 -11.66 12.41
C GLU B 80 -19.78 -10.86 12.15
N VAL B 81 -18.74 -11.55 11.69
CA VAL B 81 -17.41 -10.95 11.55
C VAL B 81 -17.25 -10.38 10.14
N SER B 82 -16.73 -9.17 10.06
CA SER B 82 -16.45 -8.51 8.79
C SER B 82 -14.96 -8.44 8.48
N TYR B 83 -14.10 -8.30 9.48
CA TYR B 83 -12.68 -8.12 9.21
C TYR B 83 -11.86 -9.14 9.96
N LEU B 84 -10.83 -9.67 9.29
CA LEU B 84 -9.89 -10.59 9.93
C LEU B 84 -8.47 -10.11 9.72
N VAL B 85 -7.72 -9.98 10.82
CA VAL B 85 -6.32 -9.59 10.78
C VAL B 85 -5.52 -10.74 11.39
N ASN B 86 -4.76 -11.43 10.54
CA ASN B 86 -3.95 -12.58 10.95
C ASN B 86 -2.57 -12.07 11.30
N LEU B 87 -2.37 -11.81 12.60
CA LEU B 87 -1.12 -11.29 13.12
C LEU B 87 -0.41 -12.29 14.01
N ALA B 88 -1.04 -13.43 14.29
CA ALA B 88 -0.45 -14.43 15.18
C ALA B 88 0.79 -15.04 14.53
N CYS B 89 1.84 -15.18 15.34
CA CYS B 89 3.07 -15.78 14.86
C CYS B 89 3.86 -16.27 16.06
N THR B 90 4.85 -17.12 15.79
CA THR B 90 5.82 -17.56 16.77
C THR B 90 7.21 -17.18 16.28
N TYR B 91 8.08 -16.85 17.22
CA TYR B 91 9.47 -16.53 16.91
C TYR B 91 10.40 -17.69 17.22
N LEU B 92 9.84 -18.90 17.40
CA LEU B 92 10.63 -20.12 17.40
C LEU B 92 11.45 -20.15 16.11
N ASP B 93 12.75 -19.94 16.22
CA ASP B 93 13.62 -19.85 15.05
C ASP B 93 15.07 -19.90 15.47
N ASP B 94 15.78 -20.99 15.11
CA ASP B 94 17.20 -21.13 15.38
C ASP B 94 17.96 -21.48 14.09
N GLY B 95 17.42 -21.06 12.95
CA GLY B 95 18.11 -21.30 11.69
C GLY B 95 18.31 -22.77 11.43
N PHE B 96 19.52 -23.11 10.95
CA PHE B 96 19.82 -24.50 10.61
C PHE B 96 19.64 -25.41 11.82
N LYS B 97 19.83 -24.89 13.03
CA LYS B 97 19.76 -25.74 14.21
C LYS B 97 18.33 -26.13 14.58
N SER B 98 17.33 -25.39 14.10
CA SER B 98 15.94 -25.78 14.36
C SER B 98 15.66 -27.15 13.76
N SER B 99 14.88 -27.95 14.48
CA SER B 99 14.62 -29.33 14.10
C SER B 99 13.37 -29.44 13.25
N ARG B 100 13.16 -30.64 12.69
CA ARG B 100 11.94 -30.90 11.93
C ARG B 100 10.71 -30.60 12.76
N GLN B 101 10.73 -31.03 14.03
CA GLN B 101 9.60 -30.79 14.92
C GLN B 101 9.38 -29.29 15.09
N ASP B 102 10.46 -28.53 15.29
CA ASP B 102 10.33 -27.09 15.38
C ASP B 102 9.78 -26.50 14.10
N TRP B 103 10.26 -26.98 12.95
CA TRP B 103 9.78 -26.48 11.67
C TRP B 103 8.27 -26.66 11.56
N LEU B 104 7.77 -27.86 11.83
CA LEU B 104 6.34 -28.11 11.66
C LEU B 104 5.53 -27.32 12.67
N GLN B 105 6.04 -27.18 13.90
CA GLN B 105 5.35 -26.37 14.90
C GLN B 105 5.23 -24.92 14.43
N ALA B 106 6.35 -24.35 13.97
CA ALA B 106 6.34 -22.96 13.54
C ALA B 106 5.45 -22.76 12.32
N LEU B 107 5.49 -23.70 11.37
CA LEU B 107 4.64 -23.56 10.19
C LEU B 107 3.17 -23.71 10.56
N ASP B 108 2.84 -24.61 11.48
CA ASP B 108 1.46 -24.77 11.93
C ASP B 108 0.96 -23.47 12.55
N ILE B 109 1.76 -22.86 13.42
CA ILE B 109 1.31 -21.65 14.09
C ILE B 109 1.25 -20.47 13.12
N ASN B 110 2.33 -20.26 12.34
CA ASN B 110 2.47 -19.06 11.53
C ASN B 110 1.64 -19.11 10.25
N LEU B 111 1.41 -20.29 9.69
CA LEU B 111 0.81 -20.42 8.37
C LEU B 111 -0.49 -21.20 8.39
N VAL B 112 -0.46 -22.47 8.79
CA VAL B 112 -1.64 -23.33 8.63
C VAL B 112 -2.82 -22.82 9.45
N SER B 113 -2.54 -22.28 10.63
CA SER B 113 -3.60 -21.77 11.48
C SER B 113 -4.28 -20.56 10.86
N THR B 114 -3.56 -19.79 10.05
CA THR B 114 -4.21 -18.70 9.32
C THR B 114 -5.29 -19.26 8.41
N VAL B 115 -5.02 -20.37 7.74
CA VAL B 115 -6.03 -21.00 6.89
C VAL B 115 -7.22 -21.45 7.74
N GLU B 116 -6.94 -22.12 8.87
CA GLU B 116 -8.06 -22.66 9.64
C GLU B 116 -8.93 -21.54 10.23
N LEU B 117 -8.29 -20.46 10.71
CA LEU B 117 -9.06 -19.35 11.26
C LEU B 117 -9.87 -18.65 10.17
N SER B 118 -9.30 -18.51 8.97
CA SER B 118 -10.07 -17.95 7.86
C SER B 118 -11.26 -18.86 7.52
N ARG B 119 -11.03 -20.18 7.50
CA ARG B 119 -12.08 -21.12 7.17
C ARG B 119 -13.22 -21.05 8.19
N ALA B 120 -12.87 -20.99 9.47
CA ALA B 120 -13.91 -20.95 10.50
C ALA B 120 -14.75 -19.69 10.40
N LEU B 121 -14.18 -18.61 9.86
CA LEU B 121 -14.87 -17.34 9.70
C LEU B 121 -15.35 -17.11 8.28
N TYR B 122 -15.18 -18.08 7.38
CA TYR B 122 -15.38 -17.78 5.97
C TYR B 122 -16.82 -17.38 5.68
N ASN B 123 -17.79 -18.11 6.24
CA ASN B 123 -19.19 -17.80 5.92
C ASN B 123 -19.55 -16.41 6.40
N ASP B 124 -18.98 -15.97 7.51
CA ASP B 124 -19.17 -14.60 7.97
C ASP B 124 -18.60 -13.61 6.95
N LEU B 125 -17.34 -13.80 6.56
CA LEU B 125 -16.71 -12.87 5.62
C LEU B 125 -17.45 -12.85 4.30
N LYS B 126 -18.01 -13.99 3.90
CA LYS B 126 -18.77 -14.08 2.66
C LYS B 126 -20.06 -13.29 2.76
N LYS B 127 -20.81 -13.48 3.85
CA LYS B 127 -22.07 -12.75 4.00
C LYS B 127 -21.81 -11.25 4.14
N GLN B 128 -20.77 -10.87 4.87
CA GLN B 128 -20.43 -9.47 5.11
C GLN B 128 -19.62 -8.85 3.99
N GLN B 129 -19.12 -9.65 3.04
CA GLN B 129 -18.21 -9.17 2.00
C GLN B 129 -17.05 -8.40 2.62
N GLY B 130 -16.35 -9.08 3.53
CA GLY B 130 -15.34 -8.44 4.37
C GLY B 130 -13.97 -8.46 3.73
N SER B 131 -12.96 -8.15 4.53
CA SER B 131 -11.58 -8.15 4.08
C SER B 131 -10.68 -8.78 5.13
N ILE B 132 -9.55 -9.28 4.63
CA ILE B 132 -8.54 -9.97 5.42
C ILE B 132 -7.20 -9.30 5.20
N VAL B 133 -6.45 -9.14 6.28
CA VAL B 133 -5.08 -8.64 6.24
C VAL B 133 -4.19 -9.68 6.92
N ASN B 134 -3.27 -10.26 6.15
CA ASN B 134 -2.21 -11.10 6.66
C ASN B 134 -0.95 -10.27 6.84
N PHE B 135 0.03 -10.85 7.54
CA PHE B 135 1.25 -10.14 7.88
C PHE B 135 2.45 -10.86 7.31
N THR B 136 3.12 -10.21 6.37
CA THR B 136 4.44 -10.65 5.93
C THR B 136 5.47 -9.83 6.73
N SER B 137 6.68 -9.69 6.22
CA SER B 137 7.69 -8.87 6.88
C SER B 137 8.73 -8.51 5.82
N ILE B 138 9.65 -7.62 6.20
CA ILE B 138 10.85 -7.47 5.38
C ILE B 138 11.61 -8.79 5.34
N SER B 139 11.41 -9.66 6.33
CA SER B 139 12.11 -10.95 6.35
C SER B 139 11.62 -11.90 5.26
N ALA B 140 10.45 -11.64 4.68
CA ALA B 140 9.93 -12.47 3.59
C ALA B 140 10.58 -12.15 2.25
N LYS B 141 11.31 -11.05 2.15
CA LYS B 141 11.89 -10.59 0.90
C LYS B 141 13.41 -10.66 0.91
N VAL B 142 14.03 -11.01 2.03
CA VAL B 142 15.48 -10.99 2.17
C VAL B 142 15.89 -12.09 3.15
N ALA B 143 17.18 -12.41 3.16
CA ALA B 143 17.74 -13.41 4.06
C ALA B 143 18.43 -12.72 5.24
N GLN B 144 18.29 -13.32 6.42
CA GLN B 144 18.89 -12.80 7.64
C GLN B 144 19.63 -13.93 8.35
N THR B 145 20.90 -13.69 8.66
CA THR B 145 21.75 -14.76 9.17
C THR B 145 21.17 -15.36 10.43
N GLY B 146 21.01 -16.67 10.43
CA GLY B 146 20.55 -17.41 11.59
C GLY B 146 19.06 -17.50 11.76
N ARG B 147 18.28 -16.97 10.83
CA ARG B 147 16.81 -16.97 10.93
C ARG B 147 16.24 -17.64 9.69
N TRP B 148 15.65 -18.82 9.88
CA TRP B 148 15.05 -19.59 8.80
C TRP B 148 13.54 -19.72 8.95
N LEU B 149 13.06 -20.13 10.12
CA LEU B 149 11.66 -20.53 10.27
C LEU B 149 10.72 -19.35 10.04
N TYR B 150 11.02 -18.20 10.65
CA TYR B 150 10.12 -17.05 10.51
C TYR B 150 10.20 -16.44 9.12
N PRO B 151 11.38 -16.21 8.54
CA PRO B 151 11.41 -15.70 7.16
C PRO B 151 10.72 -16.62 6.16
N VAL B 152 10.96 -17.92 6.23
CA VAL B 152 10.30 -18.84 5.30
C VAL B 152 8.80 -18.83 5.53
N SER B 153 8.38 -18.83 6.81
CA SER B 153 6.96 -18.74 7.12
C SER B 153 6.34 -17.51 6.48
N LYS B 154 7.01 -16.36 6.57
CA LYS B 154 6.43 -15.11 6.09
C LYS B 154 6.41 -15.06 4.56
N ALA B 155 7.44 -15.59 3.90
CA ALA B 155 7.38 -15.73 2.45
C ALA B 155 6.20 -16.60 2.03
N ALA B 156 5.95 -17.67 2.78
CA ALA B 156 4.81 -18.53 2.49
C ALA B 156 3.50 -17.79 2.72
N ILE B 157 3.43 -16.95 3.77
CA ILE B 157 2.24 -16.14 4.00
C ILE B 157 1.99 -15.24 2.80
N ARG B 158 3.05 -14.66 2.24
CA ARG B 158 2.90 -13.80 1.06
C ARG B 158 2.21 -14.55 -0.07
N GLN B 159 2.73 -15.74 -0.41
CA GLN B 159 2.09 -16.50 -1.48
C GLN B 159 0.66 -16.86 -1.10
N LEU B 160 0.43 -17.23 0.16
CA LEU B 160 -0.91 -17.60 0.61
C LEU B 160 -1.87 -16.42 0.44
N THR B 161 -1.38 -15.21 0.69
CA THR B 161 -2.21 -14.02 0.52
C THR B 161 -2.66 -13.93 -0.93
N GLN B 162 -1.75 -14.17 -1.86
CA GLN B 162 -2.15 -14.13 -3.27
C GLN B 162 -3.20 -15.19 -3.58
N SER B 163 -2.98 -16.42 -3.13
CA SER B 163 -3.89 -17.51 -3.48
C SER B 163 -5.26 -17.32 -2.86
N MET B 164 -5.29 -16.88 -1.60
CA MET B 164 -6.55 -16.52 -0.96
C MET B 164 -7.25 -15.42 -1.74
N ALA B 165 -6.51 -14.38 -2.14
CA ALA B 165 -7.14 -13.31 -2.91
C ALA B 165 -7.84 -13.87 -4.13
N MET B 166 -7.13 -14.72 -4.87
CA MET B 166 -7.70 -15.24 -6.11
C MET B 166 -8.94 -16.07 -5.84
N ASP B 167 -8.88 -16.98 -4.86
CA ASP B 167 -9.98 -17.93 -4.64
C ASP B 167 -11.08 -17.37 -3.73
N PHE B 168 -10.88 -16.18 -3.17
CA PHE B 168 -11.90 -15.51 -2.37
C PHE B 168 -12.57 -14.37 -3.12
N ALA B 169 -11.98 -13.90 -4.23
CA ALA B 169 -12.56 -12.77 -4.95
C ALA B 169 -14.01 -13.04 -5.35
N ALA B 170 -14.31 -14.27 -5.79
CA ALA B 170 -15.65 -14.59 -6.25
C ALA B 170 -16.70 -14.29 -5.19
N ASP B 171 -16.33 -14.38 -3.91
CA ASP B 171 -17.24 -14.12 -2.81
C ASP B 171 -17.16 -12.69 -2.31
N GLY B 172 -16.47 -11.81 -3.03
CA GLY B 172 -16.38 -10.41 -2.63
C GLY B 172 -15.47 -10.14 -1.46
N ILE B 173 -14.57 -11.06 -1.13
CA ILE B 173 -13.64 -10.88 -0.03
C ILE B 173 -12.30 -10.44 -0.61
N ARG B 174 -11.73 -9.38 -0.03
CA ARG B 174 -10.40 -8.91 -0.39
C ARG B 174 -9.40 -9.45 0.62
N VAL B 175 -8.21 -9.82 0.14
CA VAL B 175 -7.16 -10.39 0.99
C VAL B 175 -5.84 -9.73 0.61
N ASN B 176 -5.20 -9.08 1.58
CA ASN B 176 -3.93 -8.40 1.35
C ASN B 176 -2.96 -8.74 2.46
N SER B 177 -1.72 -8.28 2.31
CA SER B 177 -0.68 -8.49 3.30
C SER B 177 0.02 -7.18 3.61
N VAL B 178 0.52 -7.06 4.84
CA VAL B 178 1.23 -5.89 5.33
C VAL B 178 2.64 -6.32 5.71
N SER B 179 3.63 -5.58 5.22
CA SER B 179 5.05 -5.93 5.37
C SER B 179 5.77 -4.84 6.13
N PRO B 180 5.88 -4.95 7.45
CA PRO B 180 6.59 -3.94 8.22
C PRO B 180 8.08 -4.27 8.36
N GLY B 181 8.82 -3.26 8.81
CA GLY B 181 10.22 -3.40 9.15
C GLY B 181 10.40 -3.57 10.65
N TRP B 182 11.52 -3.07 11.16
CA TRP B 182 11.72 -3.05 12.60
C TRP B 182 10.72 -2.09 13.22
N THR B 183 9.81 -2.62 14.03
CA THR B 183 8.82 -1.84 14.77
C THR B 183 9.13 -1.94 16.26
N TRP B 184 8.97 -0.83 16.97
CA TRP B 184 9.12 -0.83 18.42
C TRP B 184 8.35 -2.00 19.01
N SER B 185 9.02 -2.78 19.84
CA SER B 185 8.52 -4.07 20.30
C SER B 185 8.62 -4.15 21.82
N ARG B 186 7.92 -5.13 22.40
CA ARG B 186 8.13 -5.45 23.80
C ARG B 186 9.53 -6.00 24.02
N VAL B 187 9.96 -6.92 23.14
CA VAL B 187 11.28 -7.52 23.25
C VAL B 187 12.35 -6.44 23.13
N ILE B 188 12.24 -5.58 22.12
CA ILE B 188 13.21 -4.50 21.94
C ILE B 188 13.17 -3.56 23.14
N ALA B 189 11.98 -3.27 23.65
CA ALA B 189 11.86 -2.41 24.81
C ALA B 189 12.60 -2.98 26.02
N GLU B 190 12.63 -4.32 26.15
CA GLU B 190 13.28 -4.91 27.31
C GLU B 190 14.79 -5.04 27.11
N VAL B 191 15.24 -5.41 25.91
CA VAL B 191 16.68 -5.55 25.70
C VAL B 191 17.35 -4.18 25.62
N SER B 192 16.62 -3.15 25.21
CA SER B 192 17.17 -1.81 25.13
C SER B 192 17.14 -1.07 26.46
N GLY B 193 16.49 -1.64 27.47
CA GLY B 193 16.28 -0.91 28.71
C GLY B 193 15.24 0.16 28.57
N ASN B 194 14.19 -0.10 27.80
CA ASN B 194 13.14 0.90 27.53
C ASN B 194 13.76 2.22 27.08
N ASN B 195 14.83 2.13 26.29
CA ASN B 195 15.52 3.29 25.73
C ASN B 195 15.20 3.35 24.24
N ARG B 196 14.32 4.29 23.87
CA ARG B 196 13.86 4.36 22.49
C ARG B 196 14.85 5.10 21.59
N GLU B 197 15.46 6.18 22.07
CA GLU B 197 16.35 6.96 21.22
C GLU B 197 17.53 6.11 20.76
N LYS B 198 18.08 5.28 21.65
CA LYS B 198 19.20 4.43 21.27
C LYS B 198 18.77 3.35 20.29
N ALA B 199 17.62 2.71 20.54
CA ALA B 199 17.12 1.70 19.62
C ALA B 199 16.84 2.30 18.24
N ASP B 200 16.32 3.53 18.22
CA ASP B 200 16.12 4.23 16.95
C ASP B 200 17.44 4.44 16.23
N SER B 201 18.47 4.87 16.96
CA SER B 201 19.76 5.12 16.31
C SER B 201 20.38 3.83 15.79
N VAL B 202 20.15 2.71 16.47
CA VAL B 202 20.60 1.44 15.93
C VAL B 202 19.84 1.11 14.64
N ALA B 203 18.52 1.31 14.64
CA ALA B 203 17.70 0.99 13.49
C ALA B 203 17.96 1.91 12.31
N ALA B 204 18.52 3.10 12.56
CA ALA B 204 18.72 4.06 11.47
C ALA B 204 19.54 3.47 10.34
N ASP B 205 20.40 2.49 10.64
CA ASP B 205 21.24 1.89 9.61
C ASP B 205 20.43 1.06 8.61
N TYR B 206 19.19 0.71 8.94
CA TYR B 206 18.40 -0.18 8.10
C TYR B 206 17.06 0.40 7.67
N HIS B 207 16.77 1.66 8.00
CA HIS B 207 15.52 2.31 7.62
C HIS B 207 15.82 3.72 7.16
N LEU B 208 15.39 4.06 5.94
CA LEU B 208 15.66 5.38 5.40
C LEU B 208 15.14 6.49 6.31
N LEU B 209 14.05 6.23 7.02
CA LEU B 209 13.46 7.24 7.90
C LEU B 209 14.14 7.31 9.26
N GLY B 210 15.19 6.52 9.48
CA GLY B 210 16.10 6.76 10.58
C GLY B 210 15.61 6.41 11.96
N ARG B 211 14.73 5.42 12.08
CA ARG B 211 14.22 5.01 13.38
C ARG B 211 13.46 3.69 13.22
N LEU B 212 13.03 3.15 14.36
CA LEU B 212 12.03 2.09 14.34
C LEU B 212 10.67 2.67 13.97
N GLY B 213 9.85 1.83 13.36
CA GLY B 213 8.48 2.22 13.10
C GLY B 213 7.63 2.14 14.36
N HIS B 214 6.60 2.99 14.40
CA HIS B 214 5.65 2.93 15.50
C HIS B 214 4.56 1.91 15.20
N PRO B 215 4.11 1.14 16.19
CA PRO B 215 2.95 0.26 15.96
C PRO B 215 1.78 0.97 15.29
N GLU B 216 1.50 2.22 15.70
CA GLU B 216 0.39 2.96 15.11
C GLU B 216 0.58 3.13 13.61
N GLU B 217 1.83 3.34 13.17
CA GLU B 217 2.08 3.52 11.74
C GLU B 217 1.76 2.26 10.95
N VAL B 218 2.00 1.08 11.55
CA VAL B 218 1.60 -0.18 10.92
C VAL B 218 0.07 -0.32 10.94
N ALA B 219 -0.54 0.05 12.06
CA ALA B 219 -1.99 -0.11 12.19
C ALA B 219 -2.72 0.72 11.15
N ASN B 220 -2.19 1.90 10.82
CA ASN B 220 -2.83 2.73 9.79
C ASN B 220 -2.97 1.97 8.48
N VAL B 221 -1.92 1.25 8.06
CA VAL B 221 -1.96 0.52 6.81
C VAL B 221 -2.93 -0.64 6.91
N VAL B 222 -2.96 -1.30 8.07
CA VAL B 222 -3.94 -2.38 8.25
C VAL B 222 -5.36 -1.84 8.07
N LEU B 223 -5.68 -0.73 8.74
CA LEU B 223 -7.03 -0.20 8.67
C LEU B 223 -7.38 0.24 7.27
N PHE B 224 -6.45 0.92 6.59
CA PHE B 224 -6.69 1.30 5.20
C PHE B 224 -7.09 0.09 4.38
N LEU B 225 -6.27 -0.97 4.42
CA LEU B 225 -6.55 -2.13 3.59
C LEU B 225 -7.87 -2.79 3.97
N LEU B 226 -8.26 -2.74 5.25
CA LEU B 226 -9.54 -3.31 5.62
C LEU B 226 -10.70 -2.46 5.12
N SER B 227 -10.52 -1.14 5.10
CA SER B 227 -11.61 -0.22 4.80
C SER B 227 -11.99 -0.28 3.33
N SER B 228 -13.14 0.32 3.02
CA SER B 228 -13.66 0.36 1.66
C SER B 228 -12.93 1.38 0.79
N ALA B 229 -12.03 2.18 1.36
CA ALA B 229 -11.16 3.02 0.54
C ALA B 229 -10.22 2.17 -0.30
N ALA B 230 -9.81 1.01 0.24
CA ALA B 230 -8.99 0.05 -0.50
C ALA B 230 -9.85 -0.92 -1.31
N SER B 231 -10.99 -0.47 -1.82
CA SER B 231 -11.95 -1.37 -2.45
C SER B 231 -11.46 -1.96 -3.76
N PHE B 232 -10.38 -1.44 -4.35
CA PHE B 232 -9.77 -2.06 -5.51
C PHE B 232 -8.36 -2.59 -5.22
N VAL B 233 -8.08 -2.90 -3.95
CA VAL B 233 -6.80 -3.46 -3.55
C VAL B 233 -7.06 -4.87 -3.03
N THR B 234 -6.57 -5.87 -3.76
CA THR B 234 -6.64 -7.24 -3.26
C THR B 234 -5.39 -7.97 -3.74
N GLY B 235 -4.89 -8.86 -2.89
CA GLY B 235 -3.72 -9.65 -3.22
C GLY B 235 -2.42 -8.89 -3.17
N ALA B 236 -2.43 -7.66 -2.70
CA ALA B 236 -1.25 -6.80 -2.71
C ALA B 236 -0.49 -6.87 -1.39
N ASP B 237 0.80 -6.56 -1.46
CA ASP B 237 1.68 -6.45 -0.30
C ASP B 237 2.00 -4.97 -0.10
N TYR B 238 1.54 -4.41 1.01
CA TYR B 238 1.73 -3.00 1.32
C TYR B 238 2.86 -2.87 2.33
N ALA B 239 3.99 -2.34 1.88
CA ALA B 239 5.16 -2.19 2.72
C ALA B 239 4.99 -1.00 3.67
N VAL B 240 5.24 -1.23 4.95
CA VAL B 240 5.30 -0.17 5.95
C VAL B 240 6.59 -0.37 6.73
N ASP B 241 7.73 -0.16 6.06
CA ASP B 241 9.03 -0.50 6.60
C ASP B 241 10.01 0.67 6.59
N GLY B 242 9.53 1.90 6.40
CA GLY B 242 10.41 3.05 6.40
C GLY B 242 11.55 2.97 5.42
N GLY B 243 11.41 2.20 4.34
CA GLY B 243 12.41 2.13 3.30
C GLY B 243 13.39 0.98 3.44
N TYR B 244 13.18 0.08 4.40
CA TYR B 244 14.09 -1.04 4.58
C TYR B 244 14.25 -1.83 3.29
N SER B 245 13.15 -2.15 2.62
CA SER B 245 13.17 -3.10 1.51
C SER B 245 13.66 -2.50 0.20
N VAL B 246 13.95 -1.19 0.14
CA VAL B 246 14.57 -0.64 -1.06
C VAL B 246 16.08 -0.75 -1.02
N MET B 247 16.67 -1.21 0.08
CA MET B 247 18.10 -1.22 0.28
C MET B 247 18.65 -2.64 0.19
N GLY B 248 19.93 -2.73 -0.17
CA GLY B 248 20.66 -3.97 -0.17
C GLY B 248 21.75 -3.94 0.87
N PRO B 249 22.76 -4.81 0.72
CA PRO B 249 23.80 -4.91 1.75
C PRO B 249 24.60 -3.63 1.95
N GLU B 250 24.62 -2.74 0.96
CA GLU B 250 25.34 -1.47 1.10
C GLU B 250 24.61 -0.50 2.03
N GLY B 251 23.38 -0.80 2.40
CA GLY B 251 22.64 0.12 3.25
C GLY B 251 22.40 1.43 2.55
N LEU B 252 22.43 2.51 3.32
CA LEU B 252 22.24 3.87 2.80
C LEU B 252 23.53 4.67 2.85
N GLN B 253 24.67 4.00 3.02
CA GLN B 253 25.96 4.68 3.08
C GLN B 253 26.77 4.38 1.81
N PRO B 254 27.62 5.32 1.38
CA PRO B 254 28.43 5.06 0.19
C PRO B 254 29.31 3.84 0.36
N ALA B 255 29.49 3.10 -0.73
CA ALA B 255 30.30 1.89 -0.72
C ALA B 255 31.49 1.94 -1.65
N ILE B 256 31.40 2.67 -2.77
CA ILE B 256 32.53 2.79 -3.69
C ILE B 256 33.76 3.36 -2.98
N PRO B 257 33.65 4.41 -2.17
CA PRO B 257 34.87 5.01 -1.59
C PRO B 257 35.69 4.05 -0.75
N ARG B 258 35.05 3.04 -0.14
CA ARG B 258 35.79 2.08 0.66
C ARG B 258 36.84 1.34 -0.17
N LEU B 259 36.67 1.30 -1.50
CA LEU B 259 37.61 0.62 -2.36
C LEU B 259 38.95 1.34 -2.45
N ALA B 260 38.99 2.63 -2.10
CA ALA B 260 40.23 3.41 -2.18
C ALA B 260 40.98 3.45 -0.86
#